data_3O1M
#
_entry.id   3O1M
#
_cell.length_a   41.440
_cell.length_b   75.950
_cell.length_c   51.170
_cell.angle_alpha   90.00
_cell.angle_beta   107.76
_cell.angle_gamma   90.00
#
_symmetry.space_group_name_H-M   'P 1 21 1'
#
loop_
_entity.id
_entity.type
_entity.pdbx_description
1 polymer 'Alpha-ketoglutarate-dependent dioxygenase AlkB'
2 polymer "DNA (5'-D(*T*AP*GP*GP*TP*AP*AP*(ME6)P*AP*CP*CP*GP*T)-3')"
3 polymer "DNA (5'-D(*AP*AP*CP*GP*GP*TP*AP*TP*TP*AP*CP*CP*T)-3')"
4 non-polymer 'MANGANESE (II) ION'
5 non-polymer '2-OXOGLUTARIC ACID'
6 water water
#
loop_
_entity_poly.entity_id
_entity_poly.type
_entity_poly.pdbx_seq_one_letter_code
_entity_poly.pdbx_strand_id
1 'polypeptide(L)'
;MQEPLAAGAVILRRFAFNAAEQLIRDINDVASQSPFRQMVTPGGYTMSVAMTNCGHLGWTTHRQGYLYSPIDPQTNKPWP
AMPQSFHNLCQRAATAAGYPDFQPDACLINRYAPGAKLCLHQDKDEPDLRAPIVSVSLGLPAIFQFGGLKRNDPLKRLLL
EHGDVVVWGGESRLFYHGIQPLKAGFHPLTIDCRYNLTFRQAGKKE
;
A
2 'polydeoxyribonucleotide' (DT)(DA)(DG)(DG)(DT)(DA)(DA)(ME6)(DA)(2YR)(DC)(DG)(DT) B
3 'polydeoxyribonucleotide' (DA)(DA)(DC)(DG)(DG)(DT)(DA)(DT)(DT)(DA)(DC)(DC)(DT) C
#
loop_
_chem_comp.id
_chem_comp.type
_chem_comp.name
_chem_comp.formula
2YR non-polymer '2'-deoxy-N-(2-sulfanylethyl)cytidine 5'-(dihydrogen phosphate)' 'C11 H18 N3 O7 P S'
AKG non-polymer '2-OXOGLUTARIC ACID' 'C5 H6 O5'
DA DNA linking 2'-DEOXYADENOSINE-5'-MONOPHOSPHATE 'C10 H14 N5 O6 P'
DC DNA linking 2'-DEOXYCYTIDINE-5'-MONOPHOSPHATE 'C9 H14 N3 O7 P'
DG DNA linking 2'-DEOXYGUANOSINE-5'-MONOPHOSPHATE 'C10 H14 N5 O7 P'
DT DNA linking THYMIDINE-5'-MONOPHOSPHATE 'C10 H15 N2 O8 P'
ME6 DNA linking '[(2R,3S,5R)-5-(4-azanyl-3-methyl-2-oxo-pyrimidin-3-ium-1-yl)-3-hydroxy-oxolan-2-yl]methyl dihydrogen phosphate' 'C10 H17 N3 O7 P 1'
MN non-polymer 'MANGANESE (II) ION' 'Mn 2'
#
# COMPACT_ATOMS: atom_id res chain seq x y z
N PRO A 4 10.58 -18.62 -2.51
CA PRO A 4 10.33 -17.21 -2.83
C PRO A 4 8.92 -16.97 -3.37
N LEU A 5 8.38 -15.78 -3.12
CA LEU A 5 7.06 -15.42 -3.65
C LEU A 5 7.03 -15.45 -5.17
N ALA A 6 8.06 -14.88 -5.79
CA ALA A 6 8.23 -14.86 -7.23
C ALA A 6 9.62 -14.33 -7.52
N ALA A 7 10.03 -14.33 -8.78
CA ALA A 7 11.29 -13.70 -9.15
C ALA A 7 11.26 -12.21 -8.76
N GLY A 8 12.16 -11.81 -7.87
CA GLY A 8 12.21 -10.42 -7.40
C GLY A 8 11.23 -10.09 -6.29
N ALA A 9 10.50 -11.09 -5.81
CA ALA A 9 9.48 -10.86 -4.80
C ALA A 9 9.65 -11.72 -3.56
N VAL A 10 9.32 -11.17 -2.40
CA VAL A 10 9.47 -11.89 -1.15
C VAL A 10 8.44 -11.41 -0.14
N ILE A 11 8.05 -12.29 0.76
CA ILE A 11 7.29 -11.86 1.95
C ILE A 11 8.20 -11.97 3.17
N LEU A 12 8.22 -10.89 3.95
CA LEU A 12 8.98 -10.83 5.18
C LEU A 12 7.96 -10.87 6.31
N ARG A 13 7.73 -12.07 6.85
CA ARG A 13 6.64 -12.24 7.80
C ARG A 13 6.95 -11.56 9.13
N ARG A 14 5.98 -10.79 9.63
CA ARG A 14 6.10 -10.07 10.88
C ARG A 14 7.25 -9.08 10.92
N PHE A 15 7.77 -8.70 9.75
CA PHE A 15 8.89 -7.77 9.69
C PHE A 15 8.62 -6.46 10.43
N ALA A 16 7.40 -5.96 10.30
CA ALA A 16 7.00 -4.68 10.88
C ALA A 16 6.27 -4.84 12.22
N PHE A 17 6.28 -6.06 12.78
CA PHE A 17 5.55 -6.31 14.03
C PHE A 17 6.03 -5.38 15.14
N ASN A 18 7.33 -5.27 15.33
CA ASN A 18 7.85 -4.48 16.43
C ASN A 18 7.57 -2.98 16.23
N ALA A 19 7.55 -2.54 14.98
CA ALA A 19 7.36 -1.13 14.63
C ALA A 19 5.88 -0.72 14.57
N ALA A 20 5.00 -1.72 14.67
CA ALA A 20 3.56 -1.52 14.38
C ALA A 20 2.89 -0.40 15.17
N GLU A 21 3.09 -0.36 16.49
CA GLU A 21 2.41 0.63 17.31
C GLU A 21 2.74 2.05 16.88
N GLN A 22 4.03 2.31 16.63
CA GLN A 22 4.45 3.63 16.16
C GLN A 22 3.90 3.93 14.76
N LEU A 23 3.91 2.92 13.89
CA LEU A 23 3.39 3.10 12.54
C LEU A 23 1.92 3.52 12.62
N ILE A 24 1.18 2.92 13.54
CA ILE A 24 -0.24 3.21 13.64
C ILE A 24 -0.46 4.61 14.20
N ARG A 25 0.34 5.00 15.19
CA ARG A 25 0.29 6.39 15.69
C ARG A 25 0.52 7.38 14.55
N ASP A 26 1.47 7.08 13.69
CA ASP A 26 1.79 7.97 12.59
C ASP A 26 0.72 7.93 11.48
N ILE A 27 0.06 6.78 11.31
CA ILE A 27 -1.08 6.76 10.37
C ILE A 27 -2.15 7.74 10.87
N ASN A 28 -2.43 7.70 12.17
CA ASN A 28 -3.42 8.61 12.73
C ASN A 28 -3.02 10.07 12.56
N ASP A 29 -1.72 10.34 12.67
CA ASP A 29 -1.22 11.70 12.52
C ASP A 29 -1.39 12.16 11.07
N VAL A 30 -1.03 11.28 10.13
CA VAL A 30 -1.18 11.60 8.72
C VAL A 30 -2.65 11.89 8.39
N ALA A 31 -3.54 11.01 8.84
CA ALA A 31 -4.98 11.13 8.56
C ALA A 31 -5.63 12.34 9.24
N SER A 32 -5.01 12.86 10.29
CA SER A 32 -5.57 14.04 10.95
C SER A 32 -5.40 15.27 10.06
N GLN A 33 -4.52 15.15 9.07
CA GLN A 33 -4.21 16.26 8.16
C GLN A 33 -4.82 16.02 6.77
N SER A 34 -4.61 14.82 6.26
CA SER A 34 -5.27 14.37 5.03
C SER A 34 -6.13 13.15 5.37
N PRO A 35 -7.43 13.37 5.61
CA PRO A 35 -8.30 12.32 6.09
C PRO A 35 -8.47 11.16 5.13
N PHE A 36 -8.75 9.98 5.68
CA PHE A 36 -9.12 8.87 4.83
C PHE A 36 -10.37 9.24 4.04
N ARG A 37 -10.39 8.87 2.77
CA ARG A 37 -11.59 9.06 1.95
C ARG A 37 -11.73 7.90 0.99
N GLN A 38 -12.97 7.50 0.71
CA GLN A 38 -13.17 6.48 -0.30
C GLN A 38 -13.28 7.17 -1.64
N MET A 39 -12.28 6.95 -2.49
CA MET A 39 -12.22 7.61 -3.79
C MET A 39 -13.21 7.04 -4.79
N VAL A 40 -13.58 7.87 -5.77
CA VAL A 40 -14.51 7.48 -6.81
C VAL A 40 -13.74 7.21 -8.09
N THR A 41 -13.97 6.05 -8.69
CA THR A 41 -13.28 5.71 -9.92
C THR A 41 -13.71 6.63 -11.06
N PRO A 42 -12.89 6.69 -12.12
CA PRO A 42 -13.33 7.47 -13.25
C PRO A 42 -14.71 7.05 -13.73
N GLY A 43 -15.03 5.76 -13.58
CA GLY A 43 -16.30 5.22 -14.04
C GLY A 43 -17.48 5.53 -13.14
N GLY A 44 -17.18 6.07 -11.96
CA GLY A 44 -18.22 6.58 -11.07
C GLY A 44 -18.57 5.71 -9.86
N TYR A 45 -17.76 4.68 -9.61
CA TYR A 45 -17.98 3.79 -8.46
C TYR A 45 -17.13 4.17 -7.26
N THR A 46 -17.72 4.14 -6.07
CA THR A 46 -16.96 4.45 -4.88
C THR A 46 -16.19 3.22 -4.40
N MET A 47 -14.88 3.37 -4.24
CA MET A 47 -14.04 2.28 -3.78
C MET A 47 -14.39 1.88 -2.35
N SER A 48 -14.22 0.59 -2.02
CA SER A 48 -14.54 0.13 -0.68
C SER A 48 -13.42 0.42 0.31
N VAL A 49 -12.20 0.48 -0.19
CA VAL A 49 -11.03 0.82 0.63
CA VAL A 49 -11.07 0.82 0.67
C VAL A 49 -11.00 2.35 0.82
N ALA A 50 -10.74 2.80 2.04
CA ALA A 50 -10.58 4.24 2.27
C ALA A 50 -9.09 4.53 2.19
N MET A 51 -8.72 5.66 1.58
CA MET A 51 -7.30 5.95 1.31
C MET A 51 -6.87 7.33 1.73
N THR A 52 -5.58 7.47 1.96
CA THR A 52 -4.93 8.78 2.02
C THR A 52 -3.47 8.55 1.64
N ASN A 53 -2.65 9.59 1.64
CA ASN A 53 -1.25 9.47 1.24
C ASN A 53 -0.35 10.33 2.11
N CYS A 54 0.93 10.01 2.10
CA CYS A 54 1.93 10.90 2.67
C CYS A 54 3.16 10.83 1.79
N GLY A 55 4.12 11.72 2.00
CA GLY A 55 5.24 11.80 1.09
C GLY A 55 5.00 12.86 0.02
N HIS A 56 5.92 12.93 -0.92
N HIS A 56 5.94 12.97 -0.91
CA HIS A 56 5.88 13.97 -1.95
CA HIS A 56 5.83 13.98 -1.96
C HIS A 56 4.76 13.78 -2.97
C HIS A 56 4.62 13.77 -2.85
N LEU A 57 4.38 12.52 -3.22
CA LEU A 57 3.30 12.21 -4.18
C LEU A 57 2.27 11.26 -3.60
N GLY A 58 1.00 11.53 -3.92
CA GLY A 58 -0.10 10.68 -3.48
C GLY A 58 -0.90 10.17 -4.65
N TRP A 59 -1.33 8.92 -4.56
CA TRP A 59 -2.17 8.33 -5.61
C TRP A 59 -3.60 8.80 -5.43
N THR A 60 -4.25 9.16 -6.53
CA THR A 60 -5.62 9.66 -6.49
CA THR A 60 -5.64 9.54 -6.46
C THR A 60 -6.36 9.28 -7.76
N THR A 61 -7.68 9.21 -7.68
CA THR A 61 -8.47 9.08 -8.89
C THR A 61 -8.93 10.46 -9.28
N HIS A 62 -9.36 10.61 -10.52
CA HIS A 62 -10.08 11.79 -10.95
C HIS A 62 -10.94 11.41 -12.13
N ARG A 63 -11.72 12.36 -12.65
CA ARG A 63 -12.62 12.02 -13.74
C ARG A 63 -11.84 11.40 -14.89
N GLN A 64 -10.64 11.92 -15.14
CA GLN A 64 -9.89 11.57 -16.33
C GLN A 64 -9.03 10.32 -16.21
N GLY A 65 -8.98 9.74 -15.00
CA GLY A 65 -8.14 8.58 -14.79
C GLY A 65 -7.50 8.55 -13.41
N TYR A 66 -6.31 7.95 -13.34
CA TYR A 66 -5.54 7.92 -12.10
C TYR A 66 -4.39 8.91 -12.19
N LEU A 67 -3.92 9.39 -11.05
CA LEU A 67 -2.86 10.39 -11.06
C LEU A 67 -2.07 10.35 -9.76
N TYR A 68 -0.75 10.52 -9.84
CA TYR A 68 0.02 10.86 -8.66
C TYR A 68 0.13 12.39 -8.62
N SER A 69 -0.21 12.98 -7.47
N SER A 69 -0.20 12.96 -7.46
CA SER A 69 -0.12 14.43 -7.37
CA SER A 69 -0.17 14.42 -7.31
C SER A 69 0.45 14.86 -6.02
C SER A 69 0.47 14.83 -6.00
N PRO A 70 1.16 15.99 -6.00
CA PRO A 70 1.73 16.52 -4.76
C PRO A 70 0.66 17.15 -3.86
N ILE A 71 -0.54 17.34 -4.39
CA ILE A 71 -1.61 18.00 -3.65
C ILE A 71 -2.81 17.07 -3.41
N ASP A 72 -3.31 17.08 -2.18
CA ASP A 72 -4.50 16.34 -1.81
C ASP A 72 -5.71 17.10 -2.35
N PRO A 73 -6.46 16.47 -3.26
CA PRO A 73 -7.56 17.20 -3.90
C PRO A 73 -8.70 17.52 -2.94
N GLN A 74 -8.72 16.86 -1.79
CA GLN A 74 -9.76 17.11 -0.81
C GLN A 74 -9.44 18.31 0.07
N THR A 75 -8.18 18.46 0.45
CA THR A 75 -7.77 19.55 1.33
C THR A 75 -7.20 20.72 0.54
N ASN A 76 -6.76 20.43 -0.68
CA ASN A 76 -6.03 21.39 -1.52
C ASN A 76 -4.72 21.86 -0.92
N LYS A 77 -4.17 21.03 -0.03
CA LYS A 77 -2.86 21.25 0.55
C LYS A 77 -1.98 20.04 0.20
N PRO A 78 -0.66 20.20 0.31
CA PRO A 78 0.22 19.06 0.09
C PRO A 78 -0.15 17.89 0.99
N TRP A 79 0.08 16.67 0.53
CA TRP A 79 -0.05 15.53 1.43
C TRP A 79 0.93 15.72 2.59
N PRO A 80 0.61 15.16 3.77
CA PRO A 80 1.53 15.27 4.89
C PRO A 80 2.89 14.64 4.56
N ALA A 81 3.94 15.15 5.19
CA ALA A 81 5.26 14.57 5.02
C ALA A 81 5.26 13.09 5.42
N MET A 82 6.10 12.31 4.77
CA MET A 82 6.22 10.89 5.13
C MET A 82 6.87 10.77 6.52
N PRO A 83 6.16 10.12 7.47
CA PRO A 83 6.73 9.97 8.80
C PRO A 83 8.08 9.25 8.76
N GLN A 84 8.99 9.65 9.64
CA GLN A 84 10.28 8.98 9.71
C GLN A 84 10.14 7.48 10.04
N SER A 85 9.14 7.13 10.84
CA SER A 85 8.91 5.72 11.17
C SER A 85 8.62 4.91 9.90
N PHE A 86 7.83 5.52 9.00
CA PHE A 86 7.48 4.90 7.72
C PHE A 86 8.73 4.75 6.86
N HIS A 87 9.48 5.83 6.73
CA HIS A 87 10.62 5.83 5.82
C HIS A 87 11.68 4.83 6.28
N ASN A 88 11.91 4.78 7.60
CA ASN A 88 12.92 3.86 8.16
C ASN A 88 12.48 2.41 7.96
N LEU A 89 11.22 2.12 8.26
CA LEU A 89 10.74 0.74 8.13
C LEU A 89 10.86 0.29 6.67
N CYS A 90 10.45 1.17 5.76
CA CYS A 90 10.50 0.88 4.34
C CYS A 90 11.93 0.56 3.88
N GLN A 91 12.88 1.39 4.31
N GLN A 91 12.90 1.38 4.30
CA GLN A 91 14.28 1.23 3.95
CA GLN A 91 14.30 1.17 3.89
C GLN A 91 14.83 -0.11 4.42
C GLN A 91 14.82 -0.15 4.41
N ARG A 92 14.52 -0.47 5.66
CA ARG A 92 14.99 -1.72 6.22
CA ARG A 92 14.99 -1.72 6.23
C ARG A 92 14.36 -2.91 5.49
N ALA A 93 13.06 -2.82 5.22
CA ALA A 93 12.37 -3.91 4.51
C ALA A 93 12.94 -4.08 3.11
N ALA A 94 13.10 -2.97 2.39
CA ALA A 94 13.63 -3.01 1.03
C ALA A 94 15.01 -3.65 1.02
N THR A 95 15.84 -3.28 1.97
CA THR A 95 17.19 -3.83 2.05
C THR A 95 17.16 -5.34 2.30
N ALA A 96 16.33 -5.77 3.25
CA ALA A 96 16.21 -7.20 3.56
C ALA A 96 15.72 -7.98 2.34
N ALA A 97 14.90 -7.33 1.51
CA ALA A 97 14.32 -7.98 0.33
C ALA A 97 15.24 -7.92 -0.88
N GLY A 98 16.40 -7.30 -0.73
CA GLY A 98 17.39 -7.23 -1.81
C GLY A 98 17.30 -5.99 -2.68
N TYR A 99 16.67 -4.95 -2.16
CA TYR A 99 16.52 -3.68 -2.88
C TYR A 99 17.08 -2.52 -2.06
N PRO A 100 18.40 -2.56 -1.76
CA PRO A 100 18.99 -1.61 -0.85
C PRO A 100 18.94 -0.15 -1.32
N ASP A 101 18.77 0.10 -2.62
CA ASP A 101 18.86 1.48 -3.11
C ASP A 101 17.50 2.20 -3.24
N PHE A 102 16.43 1.51 -2.88
CA PHE A 102 15.07 2.06 -2.99
C PHE A 102 14.88 3.38 -2.22
N GLN A 103 14.40 4.41 -2.91
CA GLN A 103 14.11 5.72 -2.31
C GLN A 103 12.66 6.08 -2.64
N PRO A 104 11.72 5.73 -1.74
CA PRO A 104 10.32 6.04 -2.06
C PRO A 104 10.04 7.54 -1.96
N ASP A 105 9.07 8.03 -2.73
CA ASP A 105 8.65 9.42 -2.64
C ASP A 105 7.13 9.49 -2.49
N ALA A 106 6.53 8.34 -2.19
CA ALA A 106 5.07 8.22 -2.16
C ALA A 106 4.68 7.08 -1.24
N CYS A 107 3.71 7.34 -0.35
CA CYS A 107 3.16 6.26 0.46
C CYS A 107 1.64 6.35 0.46
N LEU A 108 1.00 5.31 -0.05
CA LEU A 108 -0.45 5.24 -0.09
C LEU A 108 -0.90 4.45 1.13
N ILE A 109 -1.80 5.04 1.90
CA ILE A 109 -2.29 4.38 3.11
C ILE A 109 -3.70 3.88 2.87
N ASN A 110 -3.86 2.56 2.91
CA ASN A 110 -5.15 1.92 2.67
C ASN A 110 -5.78 1.47 3.98
N ARG A 111 -7.07 1.77 4.17
CA ARG A 111 -7.81 1.27 5.34
C ARG A 111 -8.96 0.39 4.87
N TYR A 112 -8.96 -0.86 5.34
CA TYR A 112 -9.97 -1.86 4.97
C TYR A 112 -10.91 -2.12 6.11
N ALA A 113 -12.19 -1.79 5.90
CA ALA A 113 -13.25 -2.19 6.80
C ALA A 113 -13.71 -3.58 6.38
N PRO A 114 -14.48 -4.27 7.26
CA PRO A 114 -15.01 -5.55 6.81
C PRO A 114 -15.68 -5.43 5.44
N GLY A 115 -15.38 -6.36 4.55
CA GLY A 115 -15.99 -6.37 3.22
C GLY A 115 -15.18 -5.65 2.16
N ALA A 116 -14.27 -4.79 2.59
CA ALA A 116 -13.50 -3.99 1.65
C ALA A 116 -12.52 -4.86 0.88
N LYS A 117 -12.29 -4.50 -0.38
CA LYS A 117 -11.47 -5.30 -1.25
C LYS A 117 -10.67 -4.40 -2.17
N LEU A 118 -9.71 -4.99 -2.87
CA LEU A 118 -9.03 -4.29 -3.92
C LEU A 118 -8.90 -5.29 -5.06
N CYS A 119 -9.70 -5.08 -6.10
CA CYS A 119 -9.73 -5.99 -7.24
C CYS A 119 -8.37 -6.07 -7.93
N LEU A 120 -8.10 -7.24 -8.52
CA LEU A 120 -6.80 -7.55 -9.11
C LEU A 120 -6.37 -6.47 -10.09
N HIS A 121 -5.17 -5.95 -9.89
CA HIS A 121 -4.67 -4.85 -10.72
C HIS A 121 -3.16 -4.93 -10.81
N GLN A 122 -2.59 -4.08 -11.67
CA GLN A 122 -1.14 -3.91 -11.75
C GLN A 122 -0.77 -2.54 -11.21
N ASP A 123 0.41 -2.44 -10.60
CA ASP A 123 0.94 -1.13 -10.24
C ASP A 123 1.80 -0.65 -11.38
N LYS A 124 1.28 0.31 -12.15
CA LYS A 124 2.00 0.85 -13.29
C LYS A 124 1.79 2.36 -13.50
N ASP A 125 1.45 3.06 -12.41
CA ASP A 125 1.27 4.52 -12.48
C ASP A 125 2.62 5.23 -12.34
N GLU A 126 3.67 4.43 -12.15
CA GLU A 126 5.00 4.95 -11.85
C GLU A 126 5.92 4.87 -13.06
N PRO A 127 6.60 5.98 -13.39
CA PRO A 127 7.46 6.05 -14.58
C PRO A 127 8.73 5.21 -14.49
N ASP A 128 9.33 5.11 -13.30
CA ASP A 128 10.56 4.33 -13.17
C ASP A 128 10.29 2.93 -12.59
N LEU A 129 10.09 1.96 -13.49
CA LEU A 129 9.74 0.59 -13.09
C LEU A 129 10.90 -0.16 -12.43
N ARG A 130 12.06 0.47 -12.36
CA ARG A 130 13.22 -0.14 -11.71
C ARG A 130 13.03 -0.25 -10.19
N ALA A 131 12.20 0.63 -9.64
CA ALA A 131 12.01 0.67 -8.19
C ALA A 131 10.92 -0.31 -7.75
N PRO A 132 11.15 -1.01 -6.63
CA PRO A 132 10.19 -2.02 -6.18
C PRO A 132 8.98 -1.40 -5.50
N ILE A 133 8.01 -2.24 -5.16
CA ILE A 133 6.91 -1.85 -4.29
C ILE A 133 7.14 -2.49 -2.93
N VAL A 134 6.99 -1.71 -1.86
CA VAL A 134 7.07 -2.26 -0.50
C VAL A 134 5.71 -2.08 0.15
N SER A 135 5.12 -3.18 0.62
CA SER A 135 3.73 -3.19 1.06
C SER A 135 3.61 -3.76 2.48
N VAL A 136 3.20 -2.93 3.43
CA VAL A 136 3.19 -3.30 4.85
C VAL A 136 1.78 -3.55 5.37
N SER A 137 1.53 -4.71 5.98
CA SER A 137 0.19 -5.02 6.50
C SER A 137 0.12 -4.75 7.98
N LEU A 138 -0.99 -4.18 8.42
CA LEU A 138 -1.23 -3.92 9.84
C LEU A 138 -2.66 -4.26 10.22
N GLY A 139 -2.87 -4.84 11.40
CA GLY A 139 -4.22 -5.14 11.86
C GLY A 139 -4.79 -6.47 11.39
N LEU A 140 -6.06 -6.44 10.99
CA LEU A 140 -6.77 -7.67 10.66
C LEU A 140 -6.13 -8.37 9.45
N PRO A 141 -6.21 -9.71 9.42
CA PRO A 141 -5.60 -10.47 8.33
C PRO A 141 -6.40 -10.36 7.04
N ALA A 142 -5.72 -10.46 5.90
CA ALA A 142 -6.39 -10.40 4.61
C ALA A 142 -5.76 -11.40 3.63
N ILE A 143 -6.54 -11.87 2.66
CA ILE A 143 -5.98 -12.74 1.63
CA ILE A 143 -6.00 -12.74 1.61
C ILE A 143 -5.49 -11.92 0.44
N PHE A 144 -4.18 -11.97 0.22
CA PHE A 144 -3.52 -11.23 -0.84
C PHE A 144 -3.40 -12.16 -2.03
N GLN A 145 -3.86 -11.70 -3.19
CA GLN A 145 -3.67 -12.43 -4.44
C GLN A 145 -2.42 -11.93 -5.14
N PHE A 146 -1.62 -12.86 -5.66
CA PHE A 146 -0.43 -12.51 -6.40
C PHE A 146 -0.29 -13.42 -7.62
N GLY A 147 -0.40 -12.81 -8.79
CA GLY A 147 -0.46 -13.57 -10.03
C GLY A 147 0.76 -13.39 -10.91
N GLY A 148 0.52 -13.00 -12.16
CA GLY A 148 1.59 -12.84 -13.14
C GLY A 148 1.40 -11.64 -14.03
N LEU A 149 2.05 -11.64 -15.18
CA LEU A 149 1.98 -10.51 -16.10
C LEU A 149 0.62 -10.39 -16.77
N LYS A 150 -0.08 -11.52 -16.88
CA LYS A 150 -1.41 -11.53 -17.48
C LYS A 150 -2.48 -11.74 -16.42
N ARG A 151 -3.64 -11.13 -16.62
CA ARG A 151 -4.69 -11.23 -15.62
C ARG A 151 -5.12 -12.66 -15.36
N ASN A 152 -5.03 -13.53 -16.36
CA ASN A 152 -5.50 -14.89 -16.20
C ASN A 152 -4.40 -15.84 -15.74
N ASP A 153 -3.22 -15.31 -15.44
CA ASP A 153 -2.16 -16.14 -14.89
C ASP A 153 -2.62 -16.63 -13.52
N PRO A 154 -2.33 -17.89 -13.18
CA PRO A 154 -2.77 -18.48 -11.92
C PRO A 154 -2.38 -17.65 -10.71
N LEU A 155 -3.30 -17.53 -9.76
CA LEU A 155 -3.05 -16.73 -8.58
C LEU A 155 -2.50 -17.56 -7.44
N LYS A 156 -1.55 -16.97 -6.72
CA LYS A 156 -1.21 -17.43 -5.39
C LYS A 156 -2.08 -16.66 -4.42
N ARG A 157 -2.63 -17.35 -3.43
CA ARG A 157 -3.40 -16.68 -2.38
C ARG A 157 -2.68 -16.83 -1.06
N LEU A 158 -2.26 -15.71 -0.48
CA LEU A 158 -1.46 -15.71 0.74
C LEU A 158 -2.13 -14.87 1.81
N LEU A 159 -2.31 -15.45 2.99
CA LEU A 159 -2.77 -14.67 4.11
C LEU A 159 -1.65 -13.70 4.50
N LEU A 160 -2.02 -12.44 4.68
CA LEU A 160 -1.09 -11.44 5.20
C LEU A 160 -1.60 -11.05 6.58
N GLU A 161 -0.72 -11.16 7.57
CA GLU A 161 -1.10 -10.86 8.94
C GLU A 161 -0.37 -9.63 9.45
N HIS A 162 -0.78 -9.15 10.61
CA HIS A 162 -0.23 -7.96 11.22
C HIS A 162 1.30 -7.99 11.24
N GLY A 163 1.91 -6.98 10.60
CA GLY A 163 3.36 -6.84 10.60
C GLY A 163 4.06 -7.42 9.37
N ASP A 164 3.32 -8.20 8.57
CA ASP A 164 3.90 -8.80 7.34
C ASP A 164 4.22 -7.71 6.34
N VAL A 165 5.34 -7.88 5.63
CA VAL A 165 5.73 -6.95 4.58
C VAL A 165 5.99 -7.74 3.32
N VAL A 166 5.43 -7.27 2.22
CA VAL A 166 5.62 -7.91 0.91
C VAL A 166 6.35 -6.92 0.01
N VAL A 167 7.35 -7.41 -0.72
CA VAL A 167 8.13 -6.58 -1.62
C VAL A 167 8.18 -7.26 -2.99
N TRP A 168 7.86 -6.51 -4.02
CA TRP A 168 8.01 -7.05 -5.38
C TRP A 168 8.66 -6.04 -6.32
N GLY A 169 9.35 -6.55 -7.32
CA GLY A 169 10.13 -5.70 -8.20
C GLY A 169 10.85 -6.55 -9.22
N GLY A 170 11.67 -5.94 -10.05
CA GLY A 170 12.37 -6.66 -11.09
C GLY A 170 11.38 -7.41 -11.96
N GLU A 171 11.62 -8.71 -12.13
CA GLU A 171 10.76 -9.52 -12.99
C GLU A 171 9.30 -9.50 -12.58
N SER A 172 9.02 -9.30 -11.28
CA SER A 172 7.64 -9.37 -10.80
C SER A 172 7.02 -7.99 -10.58
N ARG A 173 7.72 -6.94 -11.00
CA ARG A 173 7.28 -5.57 -10.74
C ARG A 173 5.87 -5.29 -11.25
N LEU A 174 5.50 -5.85 -12.41
CA LEU A 174 4.20 -5.56 -13.01
C LEU A 174 3.15 -6.64 -12.78
N PHE A 175 3.40 -7.56 -11.85
CA PHE A 175 2.48 -8.66 -11.63
C PHE A 175 1.13 -8.20 -11.09
N TYR A 176 0.06 -8.83 -11.53
CA TYR A 176 -1.27 -8.56 -11.00
C TYR A 176 -1.35 -8.99 -9.54
N HIS A 177 -2.08 -8.23 -8.72
CA HIS A 177 -2.26 -8.55 -7.31
C HIS A 177 -3.53 -7.87 -6.82
N GLY A 178 -4.01 -8.29 -5.66
CA GLY A 178 -5.21 -7.70 -5.10
C GLY A 178 -5.47 -8.21 -3.70
N ILE A 179 -6.58 -7.77 -3.14
CA ILE A 179 -6.98 -8.14 -1.78
C ILE A 179 -8.43 -8.60 -1.80
N GLN A 180 -8.69 -9.80 -1.29
CA GLN A 180 -10.07 -10.32 -1.21
C GLN A 180 -10.85 -9.65 -0.09
N PRO A 181 -12.18 -9.59 -0.19
CA PRO A 181 -13.02 -8.91 0.78
C PRO A 181 -12.64 -9.25 2.23
N LEU A 182 -12.36 -8.22 3.00
CA LEU A 182 -11.88 -8.42 4.36
C LEU A 182 -12.89 -9.07 5.28
N LYS A 183 -12.45 -10.12 5.99
CA LYS A 183 -13.28 -10.76 7.00
CA LYS A 183 -13.28 -10.75 7.00
C LYS A 183 -13.37 -9.89 8.25
N ALA A 184 -14.55 -9.85 8.86
CA ALA A 184 -14.70 -9.09 10.09
C ALA A 184 -13.87 -9.75 11.18
N GLY A 185 -13.40 -8.96 12.14
CA GLY A 185 -12.67 -9.52 13.26
C GLY A 185 -12.19 -8.45 14.22
N PHE A 186 -11.35 -8.86 15.15
CA PHE A 186 -10.80 -7.94 16.13
C PHE A 186 -9.29 -8.02 16.11
N HIS A 187 -8.66 -6.85 16.22
CA HIS A 187 -7.23 -6.79 16.44
C HIS A 187 -6.99 -5.73 17.52
N PRO A 188 -6.14 -6.05 18.51
CA PRO A 188 -6.01 -5.14 19.65
C PRO A 188 -5.43 -3.76 19.28
N LEU A 189 -4.72 -3.66 18.16
CA LEU A 189 -4.13 -2.37 17.78
C LEU A 189 -4.97 -1.55 16.81
N THR A 190 -5.69 -2.20 15.91
CA THR A 190 -6.49 -1.48 14.92
C THR A 190 -7.99 -1.62 15.19
N ILE A 191 -8.31 -2.42 16.21
CA ILE A 191 -9.69 -2.73 16.58
C ILE A 191 -10.48 -3.51 15.53
N ASP A 192 -10.89 -2.85 14.46
CA ASP A 192 -11.82 -3.50 13.52
C ASP A 192 -11.43 -3.33 12.06
N CYS A 193 -10.18 -2.98 11.80
CA CYS A 193 -9.78 -2.78 10.40
C CYS A 193 -8.39 -3.32 10.11
N ARG A 194 -8.06 -3.32 8.81
CA ARG A 194 -6.71 -3.58 8.37
C ARG A 194 -6.19 -2.28 7.73
N TYR A 195 -4.93 -1.95 7.98
CA TYR A 195 -4.28 -0.91 7.21
C TYR A 195 -3.18 -1.54 6.36
N ASN A 196 -2.88 -0.89 5.24
CA ASN A 196 -1.73 -1.27 4.43
C ASN A 196 -1.01 0.02 4.06
N LEU A 197 0.32 -0.01 4.10
CA LEU A 197 1.15 1.08 3.59
C LEU A 197 1.84 0.60 2.32
N THR A 198 1.61 1.30 1.21
CA THR A 198 2.27 0.96 -0.03
C THR A 198 3.25 2.06 -0.44
N PHE A 199 4.54 1.74 -0.36
CA PHE A 199 5.62 2.68 -0.70
C PHE A 199 6.05 2.50 -2.14
N ARG A 200 6.20 3.62 -2.85
CA ARG A 200 6.63 3.58 -4.23
C ARG A 200 7.56 4.74 -4.51
N GLN A 201 8.34 4.61 -5.58
CA GLN A 201 8.96 5.76 -6.19
C GLN A 201 8.08 6.12 -7.37
N ALA A 202 7.34 7.22 -7.26
CA ALA A 202 6.31 7.57 -8.22
C ALA A 202 6.78 8.65 -9.17
N GLY A 203 7.81 9.38 -8.79
CA GLY A 203 8.31 10.46 -9.62
C GLY A 203 9.74 10.20 -10.06
N LYS A 204 10.34 11.18 -10.73
CA LYS A 204 11.75 11.11 -11.08
C LYS A 204 12.58 12.05 -10.20
O2 ME6 B 8 -6.17 1.04 -5.84
C2 ME6 B 8 -5.72 0.98 -7.02
N3 ME6 B 8 -4.49 1.42 -7.27
C20 ME6 B 8 -3.69 1.97 -6.18
C4 ME6 B 8 -3.98 1.36 -8.52
N4 ME6 B 8 -2.73 1.81 -8.75
C5 ME6 B 8 -4.73 0.84 -9.58
C6 ME6 B 8 -6.02 0.39 -9.33
N1 ME6 B 8 -6.50 0.47 -8.07
C1' ME6 B 8 -7.82 -0.04 -7.76
O4' ME6 B 8 -7.80 -1.40 -8.19
C2' ME6 B 8 -9.02 0.59 -8.47
C3' ME6 B 8 -10.00 -0.58 -8.48
O3' ME6 B 8 -10.56 -0.61 -7.15
C4' ME6 B 8 -9.11 -1.80 -8.66
C5' ME6 B 8 -8.98 -2.31 -10.10
O5' ME6 B 8 -8.63 -1.21 -10.94
P ME6 B 8 -8.04 -1.37 -12.43
O2P ME6 B 8 -7.50 -0.01 -12.76
O1P ME6 B 8 -7.15 -2.57 -12.53
P 2YR B 10 -17.47 -2.19 -7.40
OP1 2YR B 10 -18.25 -1.50 -6.36
OP2 2YR B 10 -16.64 -3.36 -7.04
O5' 2YR B 10 -18.43 -2.67 -8.58
C5' 2YR B 10 -19.24 -1.76 -9.28
C4' 2YR B 10 -19.96 -2.52 -10.38
O4' 2YR B 10 -18.95 -3.10 -11.24
C3' 2YR B 10 -20.85 -3.65 -9.89
O3' 2YR B 10 -22.08 -3.54 -10.60
C2' 2YR B 10 -20.06 -4.91 -10.26
C1' 2YR B 10 -19.20 -4.47 -11.44
N1 2YR B 10 -17.90 -5.25 -11.47
C2 2YR B 10 -17.61 -6.06 -12.56
O2 2YR B 10 -18.38 -6.12 -13.53
N3 2YR B 10 -16.44 -6.77 -12.55
C4 2YR B 10 -15.60 -6.70 -11.52
N4 2YR B 10 -14.46 -7.44 -11.59
C5 2YR B 10 -15.89 -5.86 -10.40
C6 2YR B 10 -17.05 -5.17 -10.41
S 2YR B 10 -12.70 -7.93 -7.90
C8 2YR B 10 -13.83 -8.24 -9.31
C9 2YR B 10 -13.41 -7.45 -10.53
MN MN D . -1.35 -2.36 -6.01
C1 AKG E . -2.06 -0.89 -3.59
O1 AKG E . -2.15 0.01 -2.72
O2 AKG E . -1.79 -0.64 -4.79
C2 AKG E . -2.27 -2.27 -3.15
O5 AKG E . -2.19 -3.17 -3.95
C3 AKG E . -2.57 -2.57 -1.68
C4 AKG E . -2.41 -4.05 -1.35
C5 AKG E . -2.70 -4.35 0.12
O3 AKG E . -3.61 -3.70 0.70
O4 AKG E . -2.05 -5.23 0.70
#